data_5GRZ
#
_entry.id   5GRZ
#
_cell.length_a   164.841
_cell.length_b   54.093
_cell.length_c   54.725
_cell.angle_alpha   90.00
_cell.angle_beta   103.41
_cell.angle_gamma   90.00
#
_symmetry.space_group_name_H-M   'C 1 2 1'
#
loop_
_entity.id
_entity.type
_entity.pdbx_description
1 polymer diabody
2 water water
#
_entity_poly.entity_id   1
_entity_poly.type   'polypeptide(L)'
_entity_poly.pdbx_seq_one_letter_code
;EVQLVESGGGLVQCGGSLRLSCAASGFTFRNSAMHWVRQAPGKGLEWVSSIWYSGSNTYYADSVCGRFTISRDNSKNTLY
LQMNSLTAEDTAVYYCARFAGGWGAYDVWGQGTLVTVSSGGGGSDIVLTQSPATLSLSPGERATLSCRASQSVSSNYLAW
YQQKPGQAPRLLIYDSSSRATGVPARFSGSGSGTDFTLTISSLEPEDFAVYYCHQYSDISPTFGQGTKVEIKSGRLVPRG
SRSHHHHHH
;
_entity_poly.pdbx_strand_id   G,A
#
# COMPACT_ATOMS: atom_id res chain seq x y z
N VAL A 2 -16.94 24.66 -20.08
CA VAL A 2 -16.59 23.28 -19.78
C VAL A 2 -16.09 23.17 -18.34
N GLN A 3 -16.88 22.49 -17.51
CA GLN A 3 -16.59 22.32 -16.08
C GLN A 3 -16.96 20.90 -15.65
N LEU A 4 -16.46 20.52 -14.48
CA LEU A 4 -16.80 19.26 -13.83
C LEU A 4 -16.93 19.53 -12.35
N VAL A 5 -18.04 19.10 -11.76
CA VAL A 5 -18.34 19.31 -10.36
C VAL A 5 -18.52 17.96 -9.67
N GLU A 6 -17.89 17.78 -8.53
CA GLU A 6 -17.99 16.54 -7.78
C GLU A 6 -18.96 16.72 -6.62
N SER A 7 -19.73 15.68 -6.35
CA SER A 7 -20.74 15.67 -5.30
C SER A 7 -20.66 14.34 -4.58
N GLY A 8 -21.44 14.20 -3.51
CA GLY A 8 -21.31 13.05 -2.65
C GLY A 8 -19.98 13.11 -1.93
N GLY A 9 -19.71 12.08 -1.12
CA GLY A 9 -18.51 12.06 -0.32
C GLY A 9 -18.61 12.86 0.96
N GLY A 10 -17.65 12.63 1.85
CA GLY A 10 -17.64 13.20 3.18
C GLY A 10 -16.89 12.35 4.17
N LEU A 11 -17.54 11.91 5.23
CA LEU A 11 -16.92 11.08 6.25
C LEU A 11 -17.67 9.75 6.32
N VAL A 12 -16.91 8.66 6.36
CA VAL A 12 -17.47 7.31 6.37
C VAL A 12 -16.61 6.44 7.29
N GLN A 13 -17.14 5.28 7.70
CA GLN A 13 -16.51 4.37 8.66
C GLN A 13 -15.57 3.42 7.93
N CYS A 14 -14.91 2.56 8.73
CA CYS A 14 -13.95 1.58 8.23
C CYS A 14 -14.84 0.46 7.71
N GLY A 15 -15.15 0.52 6.41
CA GLY A 15 -16.01 -0.47 5.80
C GLY A 15 -17.35 0.01 5.28
N GLY A 16 -17.61 1.32 5.33
CA GLY A 16 -18.87 1.86 4.88
C GLY A 16 -18.97 1.86 3.36
N SER A 17 -19.87 2.71 2.87
CA SER A 17 -20.14 2.74 1.43
C SER A 17 -20.53 4.15 1.02
N LEU A 18 -20.25 4.47 -0.24
CA LEU A 18 -20.50 5.81 -0.76
C LEU A 18 -20.65 5.79 -2.28
N ARG A 19 -21.33 6.81 -2.80
CA ARG A 19 -21.47 7.07 -4.23
C ARG A 19 -21.00 8.48 -4.55
N LEU A 20 -20.10 8.60 -5.53
CA LEU A 20 -19.63 9.89 -6.00
C LEU A 20 -20.24 10.23 -7.36
N SER A 21 -20.58 11.51 -7.55
CA SER A 21 -21.11 11.98 -8.83
C SER A 21 -20.23 13.08 -9.37
N CYS A 22 -20.09 13.12 -10.70
CA CYS A 22 -19.44 14.20 -11.41
C CYS A 22 -20.43 14.76 -12.42
N ALA A 23 -20.86 16.00 -12.22
CA ALA A 23 -21.80 16.67 -13.11
C ALA A 23 -21.00 17.42 -14.16
N ALA A 24 -21.18 17.04 -15.43
CA ALA A 24 -20.33 17.49 -16.52
C ALA A 24 -21.14 18.42 -17.42
N SER A 25 -20.63 19.63 -17.61
CA SER A 25 -21.26 20.65 -18.43
C SER A 25 -20.25 21.21 -19.43
N GLY A 26 -20.78 21.98 -20.38
CA GLY A 26 -19.97 22.70 -21.33
C GLY A 26 -19.39 21.88 -22.47
N PHE A 27 -19.60 20.57 -22.47
CA PHE A 27 -19.09 19.74 -23.56
C PHE A 27 -20.03 18.57 -23.77
N THR A 28 -19.77 17.83 -24.84
CA THR A 28 -20.59 16.66 -25.20
C THR A 28 -20.16 15.47 -24.35
N PHE A 29 -20.86 15.30 -23.22
CA PHE A 29 -20.51 14.25 -22.26
C PHE A 29 -20.50 12.88 -22.89
N ARG A 30 -21.48 12.59 -23.74
CA ARG A 30 -21.80 11.21 -24.07
C ARG A 30 -20.68 10.51 -24.82
N ASN A 31 -19.90 11.26 -25.60
CA ASN A 31 -18.91 10.62 -26.46
C ASN A 31 -17.51 10.62 -25.87
N SER A 32 -17.19 11.58 -25.01
CA SER A 32 -15.90 11.61 -24.36
C SER A 32 -15.79 10.50 -23.33
N ALA A 33 -14.60 10.35 -22.78
CA ALA A 33 -14.30 9.35 -21.77
C ALA A 33 -14.14 10.03 -20.42
N MET A 34 -14.52 9.33 -19.35
CA MET A 34 -14.50 9.93 -18.03
C MET A 34 -13.56 9.12 -17.15
N HIS A 35 -12.95 9.79 -16.17
CA HIS A 35 -11.99 9.13 -15.30
C HIS A 35 -12.10 9.71 -13.91
N TRP A 36 -11.68 8.93 -12.91
CA TRP A 36 -11.53 9.39 -11.54
C TRP A 36 -10.06 9.34 -11.13
N VAL A 37 -9.58 10.43 -10.53
CA VAL A 37 -8.23 10.50 -9.99
C VAL A 37 -8.33 10.97 -8.55
N ARG A 38 -7.63 10.30 -7.64
CA ARG A 38 -7.64 10.68 -6.23
C ARG A 38 -6.25 11.05 -5.74
N GLN A 39 -6.24 11.76 -4.60
CA GLN A 39 -5.02 12.23 -3.94
C GLN A 39 -5.20 12.22 -2.43
N ALA A 40 -4.59 11.23 -1.77
CA ALA A 40 -4.57 11.18 -0.32
C ALA A 40 -3.90 12.44 0.23
N PRO A 41 -4.22 12.82 1.46
CA PRO A 41 -3.65 14.05 2.02
C PRO A 41 -2.15 13.92 2.24
N GLY A 42 -1.40 14.91 1.75
CA GLY A 42 0.04 14.89 1.82
C GLY A 42 0.72 14.09 0.73
N LYS A 43 -0.03 13.39 -0.10
CA LYS A 43 0.48 12.46 -1.09
C LYS A 43 0.27 13.00 -2.51
N GLY A 44 0.57 12.16 -3.50
CA GLY A 44 0.48 12.57 -4.88
C GLY A 44 -0.77 12.09 -5.58
N LEU A 45 -0.94 12.55 -6.81
CA LEU A 45 -2.03 12.09 -7.65
C LEU A 45 -1.94 10.58 -7.85
N GLU A 46 -3.10 9.92 -7.87
CA GLU A 46 -3.21 8.49 -8.11
C GLU A 46 -4.48 8.22 -8.88
N TRP A 47 -4.37 7.44 -9.95
CA TRP A 47 -5.51 7.19 -10.83
C TRP A 47 -6.42 6.11 -10.24
N VAL A 48 -7.73 6.36 -10.27
CA VAL A 48 -8.72 5.46 -9.69
C VAL A 48 -9.33 4.58 -10.76
N SER A 49 -10.05 5.17 -11.71
CA SER A 49 -10.85 4.36 -12.61
C SER A 49 -11.14 5.15 -13.88
N SER A 50 -11.60 4.42 -14.89
CA SER A 50 -11.95 4.99 -16.19
C SER A 50 -13.15 4.25 -16.73
N ILE A 51 -14.16 5.01 -17.16
CA ILE A 51 -15.22 4.51 -18.02
C ILE A 51 -14.89 5.00 -19.42
N TRP A 52 -14.82 4.08 -20.37
CA TRP A 52 -14.40 4.40 -21.73
C TRP A 52 -15.61 4.42 -22.66
N TYR A 53 -16.17 5.62 -22.88
CA TYR A 53 -17.33 5.74 -23.74
C TYR A 53 -18.48 4.87 -23.23
N SER A 54 -18.90 3.89 -24.04
CA SER A 54 -20.06 3.10 -23.68
C SER A 54 -19.80 2.36 -22.38
N GLY A 55 -20.87 2.11 -21.64
CA GLY A 55 -20.78 1.32 -20.43
C GLY A 55 -20.37 -0.11 -20.73
N SER A 56 -19.95 -0.80 -19.67
CA SER A 56 -19.42 -2.17 -19.65
C SER A 56 -17.98 -2.22 -20.12
N ASN A 57 -17.35 -1.08 -20.41
CA ASN A 57 -15.94 -1.03 -20.80
C ASN A 57 -15.24 -0.25 -19.69
N THR A 58 -14.91 -0.95 -18.62
CA THR A 58 -14.41 -0.32 -17.40
C THR A 58 -13.04 -0.86 -17.02
N TYR A 59 -12.25 0.00 -16.40
CA TYR A 59 -10.92 -0.32 -15.91
C TYR A 59 -10.71 0.36 -14.56
N TYR A 60 -10.08 -0.36 -13.64
CA TYR A 60 -9.83 0.11 -12.28
C TYR A 60 -8.36 -0.10 -11.96
N ALA A 61 -7.88 0.65 -10.95
CA ALA A 61 -6.59 0.36 -10.38
C ALA A 61 -6.70 -0.94 -9.58
N ASP A 62 -5.57 -1.63 -9.40
CA ASP A 62 -5.54 -2.91 -8.69
C ASP A 62 -6.13 -2.78 -7.30
N SER A 63 -5.88 -1.64 -6.65
CA SER A 63 -6.31 -1.44 -5.28
C SER A 63 -7.80 -1.24 -5.12
N VAL A 64 -8.50 -0.72 -6.13
CA VAL A 64 -9.91 -0.38 -5.96
C VAL A 64 -10.82 -1.30 -6.78
N CYS A 65 -10.26 -2.32 -7.41
CA CYS A 65 -11.03 -3.31 -8.15
C CYS A 65 -12.11 -3.91 -7.26
N GLY A 66 -13.27 -4.18 -7.85
CA GLY A 66 -14.36 -4.86 -7.17
C GLY A 66 -15.05 -4.03 -6.11
N ARG A 67 -14.27 -3.27 -5.33
CA ARG A 67 -14.89 -2.40 -4.33
C ARG A 67 -15.51 -1.18 -4.98
N PHE A 68 -14.91 -0.70 -6.08
CA PHE A 68 -15.38 0.52 -6.71
C PHE A 68 -16.05 0.18 -8.03
N THR A 69 -17.17 0.82 -8.31
CA THR A 69 -17.87 0.65 -9.57
C THR A 69 -18.03 2.01 -10.23
N ILE A 70 -17.66 2.09 -11.51
CA ILE A 70 -17.72 3.34 -12.26
C ILE A 70 -18.84 3.22 -13.29
N SER A 71 -19.68 4.25 -13.32
CA SER A 71 -20.84 4.27 -14.17
C SER A 71 -21.04 5.68 -14.71
N ARG A 72 -21.72 5.75 -15.84
CA ARG A 72 -22.09 7.00 -16.48
C ARG A 72 -23.56 6.95 -16.90
N ASP A 73 -24.29 8.03 -16.61
CA ASP A 73 -25.64 8.22 -17.13
C ASP A 73 -25.48 9.28 -18.22
N ASN A 74 -25.62 8.84 -19.47
CA ASN A 74 -25.40 9.72 -20.61
C ASN A 74 -26.44 10.82 -20.66
N SER A 75 -27.69 10.49 -20.30
CA SER A 75 -28.77 11.46 -20.41
C SER A 75 -28.58 12.64 -19.46
N LYS A 76 -28.07 12.37 -18.25
CA LYS A 76 -27.85 13.44 -17.29
C LYS A 76 -26.45 14.06 -17.38
N ASN A 77 -25.58 13.56 -18.25
CA ASN A 77 -24.22 14.10 -18.37
C ASN A 77 -23.48 13.99 -17.04
N THR A 78 -23.65 12.86 -16.37
CA THR A 78 -23.04 12.67 -15.06
C THR A 78 -22.29 11.35 -15.03
N LEU A 79 -21.25 11.36 -14.19
CA LEU A 79 -20.34 10.24 -14.00
C LEU A 79 -20.41 9.79 -12.55
N TYR A 80 -20.42 8.49 -12.34
CA TYR A 80 -20.64 7.92 -11.02
C TYR A 80 -19.48 7.03 -10.60
N LEU A 81 -19.23 7.02 -9.29
CA LEU A 81 -18.28 6.12 -8.66
C LEU A 81 -18.93 5.53 -7.42
N GLN A 82 -18.97 4.20 -7.37
CA GLN A 82 -19.63 3.40 -6.33
C GLN A 82 -18.56 2.82 -5.41
N MET A 83 -18.33 3.47 -4.27
CA MET A 83 -17.28 3.05 -3.36
C MET A 83 -17.87 2.16 -2.26
N ASN A 84 -17.39 0.92 -2.18
CA ASN A 84 -17.79 0.01 -1.11
C ASN A 84 -16.53 -0.48 -0.39
N SER A 85 -16.75 -1.11 0.78
CA SER A 85 -15.68 -1.74 1.54
C SER A 85 -14.54 -0.75 1.82
N LEU A 86 -14.93 0.45 2.23
CA LEU A 86 -13.98 1.56 2.32
C LEU A 86 -13.02 1.35 3.49
N THR A 87 -11.74 1.66 3.23
CA THR A 87 -10.67 1.51 4.21
C THR A 87 -10.04 2.88 4.45
N ALA A 88 -9.37 3.03 5.60
CA ALA A 88 -8.64 4.26 5.88
C ALA A 88 -7.67 4.62 4.76
N GLU A 89 -7.19 3.64 4.00
CA GLU A 89 -6.28 3.96 2.89
C GLU A 89 -7.00 4.61 1.72
N ASP A 90 -8.33 4.57 1.68
CA ASP A 90 -9.06 5.16 0.57
C ASP A 90 -9.33 6.64 0.76
N THR A 91 -9.00 7.20 1.93
CA THR A 91 -9.29 8.60 2.17
C THR A 91 -8.39 9.48 1.30
N ALA A 92 -8.99 10.49 0.68
CA ALA A 92 -8.35 11.27 -0.36
C ALA A 92 -9.33 12.31 -0.88
N VAL A 93 -8.84 13.23 -1.71
CA VAL A 93 -9.71 14.08 -2.49
C VAL A 93 -9.90 13.40 -3.84
N TYR A 94 -11.15 13.30 -4.27
CA TYR A 94 -11.48 12.58 -5.50
C TYR A 94 -11.86 13.57 -6.59
N TYR A 95 -11.10 13.54 -7.67
CA TYR A 95 -11.34 14.34 -8.87
C TYR A 95 -11.91 13.45 -9.96
N CYS A 96 -12.67 14.06 -10.86
CA CYS A 96 -12.99 13.48 -12.14
C CYS A 96 -12.22 14.24 -13.22
N ALA A 97 -11.80 13.52 -14.27
CA ALA A 97 -10.91 14.11 -15.25
C ALA A 97 -11.26 13.56 -16.63
N ARG A 98 -11.18 14.43 -17.64
CA ARG A 98 -11.45 14.06 -19.02
C ARG A 98 -10.40 14.68 -19.92
N PHE A 99 -10.10 14.00 -21.02
CA PHE A 99 -9.37 14.58 -22.13
C PHE A 99 -10.25 14.59 -23.37
N ALA A 100 -10.07 15.61 -24.20
CA ALA A 100 -10.82 15.67 -25.45
C ALA A 100 -10.26 14.66 -26.44
N GLY A 101 -11.13 14.13 -27.30
CA GLY A 101 -10.68 13.20 -28.32
C GLY A 101 -10.60 11.76 -27.85
N GLY A 102 -9.82 10.98 -28.60
CA GLY A 102 -9.64 9.57 -28.33
C GLY A 102 -8.76 9.23 -27.15
N TRP A 103 -7.54 9.76 -27.13
CA TRP A 103 -6.60 9.53 -26.06
C TRP A 103 -5.73 10.77 -25.89
N GLY A 104 -5.24 10.97 -24.68
CA GLY A 104 -4.43 12.13 -24.38
C GLY A 104 -4.31 12.32 -22.88
N ALA A 105 -3.81 13.49 -22.51
CA ALA A 105 -3.65 13.88 -21.12
C ALA A 105 -4.89 14.58 -20.59
N TYR A 106 -5.19 14.35 -19.30
CA TYR A 106 -6.31 15.02 -18.64
C TYR A 106 -6.10 16.52 -18.65
N ASP A 107 -6.93 17.26 -19.39
CA ASP A 107 -6.85 18.70 -19.40
C ASP A 107 -8.00 19.39 -18.68
N VAL A 108 -9.00 18.67 -18.19
CA VAL A 108 -10.08 19.25 -17.40
C VAL A 108 -10.22 18.49 -16.09
N TRP A 109 -10.19 19.23 -14.98
CA TRP A 109 -10.23 18.66 -13.64
C TRP A 109 -11.33 19.36 -12.87
N GLY A 110 -12.15 18.59 -12.16
CA GLY A 110 -13.11 19.17 -11.25
C GLY A 110 -12.45 19.78 -10.03
N GLN A 111 -13.29 20.22 -9.10
CA GLN A 111 -12.80 20.83 -7.87
C GLN A 111 -12.38 19.81 -6.82
N GLY A 112 -12.80 18.56 -6.99
CA GLY A 112 -12.49 17.50 -6.05
C GLY A 112 -13.46 17.49 -4.88
N THR A 113 -13.69 16.29 -4.33
CA THR A 113 -14.52 16.15 -3.15
C THR A 113 -13.85 15.15 -2.23
N LEU A 114 -13.75 15.50 -0.96
CA LEU A 114 -12.96 14.75 0.00
C LEU A 114 -13.76 13.62 0.63
N VAL A 115 -13.13 12.46 0.75
CA VAL A 115 -13.68 11.27 1.41
C VAL A 115 -12.74 10.91 2.55
N THR A 116 -13.28 10.75 3.76
CA THR A 116 -12.49 10.45 4.94
C THR A 116 -13.05 9.22 5.65
N VAL A 117 -12.20 8.24 5.92
CA VAL A 117 -12.60 7.00 6.57
C VAL A 117 -11.83 6.87 7.87
N SER A 118 -12.53 6.60 8.96
CA SER A 118 -11.91 6.41 10.26
C SER A 118 -11.00 5.17 10.23
N ASP A 125 -1.74 2.53 16.48
CA ASP A 125 -0.81 1.43 16.24
C ASP A 125 0.63 1.94 16.39
N ILE A 126 1.52 1.07 16.84
CA ILE A 126 2.92 1.40 17.00
C ILE A 126 3.66 0.97 15.74
N VAL A 127 4.70 1.70 15.38
CA VAL A 127 5.49 1.43 14.18
C VAL A 127 6.84 0.82 14.58
N LEU A 128 7.23 -0.28 13.94
CA LEU A 128 8.52 -0.93 14.18
C LEU A 128 9.45 -0.66 12.99
N THR A 129 10.59 -0.02 13.26
CA THR A 129 11.60 0.27 12.25
C THR A 129 12.84 -0.60 12.48
N GLN A 130 13.23 -1.35 11.46
CA GLN A 130 14.33 -2.29 11.54
C GLN A 130 15.47 -1.75 10.68
N SER A 131 16.69 -1.77 11.23
CA SER A 131 17.87 -1.33 10.51
C SER A 131 19.05 -2.23 10.86
N PRO A 132 19.94 -2.49 9.90
CA PRO A 132 19.94 -2.07 8.49
C PRO A 132 18.93 -2.84 7.66
N ALA A 133 18.61 -2.33 6.47
CA ALA A 133 17.73 -3.09 5.59
C ALA A 133 18.39 -4.40 5.18
N THR A 134 19.66 -4.34 4.79
CA THR A 134 20.44 -5.52 4.43
C THR A 134 21.69 -5.60 5.29
N LEU A 135 22.08 -6.82 5.65
CA LEU A 135 23.34 -7.05 6.36
C LEU A 135 24.16 -8.04 5.55
N SER A 136 25.31 -7.59 5.05
CA SER A 136 26.20 -8.43 4.27
C SER A 136 27.31 -8.89 5.19
N LEU A 137 27.28 -10.18 5.57
CA LEU A 137 28.19 -10.77 6.54
C LEU A 137 28.80 -12.04 5.95
N SER A 138 29.64 -12.69 6.75
CA SER A 138 30.33 -13.92 6.43
C SER A 138 30.22 -14.77 7.68
N PRO A 139 30.33 -16.09 7.57
CA PRO A 139 30.31 -16.92 8.79
C PRO A 139 31.38 -16.49 9.78
N GLY A 140 31.11 -16.72 11.06
CA GLY A 140 32.04 -16.34 12.11
C GLY A 140 31.89 -14.90 12.55
N GLU A 141 31.33 -14.06 11.68
CA GLU A 141 31.13 -12.66 12.02
C GLU A 141 29.96 -12.49 13.00
N ARG A 142 29.89 -11.32 13.62
CA ARG A 142 28.90 -11.03 14.66
C ARG A 142 27.81 -10.14 14.07
N ALA A 143 26.65 -10.73 13.78
CA ALA A 143 25.52 -9.96 13.30
C ALA A 143 24.87 -9.21 14.46
N THR A 144 24.45 -7.97 14.20
CA THR A 144 23.70 -7.21 15.20
C THR A 144 22.57 -6.46 14.49
N LEU A 145 21.35 -6.61 15.03
CA LEU A 145 20.13 -6.18 14.36
C LEU A 145 19.35 -5.26 15.28
N SER A 146 18.77 -4.19 14.71
CA SER A 146 18.09 -3.17 15.50
C SER A 146 16.60 -3.10 15.17
N CYS A 147 15.83 -2.65 16.15
CA CYS A 147 14.38 -2.52 16.05
C CYS A 147 13.97 -1.31 16.89
N ARG A 148 13.44 -0.27 16.25
CA ARG A 148 13.12 0.97 16.96
C ARG A 148 11.62 1.22 16.91
N ALA A 149 10.98 1.15 18.07
CA ALA A 149 9.54 1.36 18.17
C ALA A 149 9.22 2.85 18.27
N SER A 150 8.20 3.27 17.52
CA SER A 150 7.75 4.66 17.53
C SER A 150 7.27 5.11 18.91
N GLN A 151 6.98 4.18 19.81
CA GLN A 151 6.63 4.50 21.19
C GLN A 151 7.24 3.42 22.07
N SER A 152 7.37 3.74 23.37
CA SER A 152 7.84 2.76 24.34
C SER A 152 6.91 1.56 24.35
N VAL A 153 7.46 0.38 24.60
CA VAL A 153 6.68 -0.85 24.61
C VAL A 153 6.91 -1.54 25.95
N SER A 154 5.80 -1.84 26.62
CA SER A 154 5.79 -2.20 28.03
C SER A 154 6.28 -3.61 28.31
N SER A 155 7.04 -3.74 29.40
CA SER A 155 7.64 -4.98 29.91
C SER A 155 8.17 -5.88 28.81
N ASN A 156 8.72 -5.28 27.76
CA ASN A 156 9.45 -6.00 26.73
C ASN A 156 8.62 -7.13 26.13
N TYR A 157 7.37 -6.84 25.82
CA TYR A 157 6.53 -7.73 25.02
C TYR A 157 6.97 -7.76 23.54
N LEU A 158 8.24 -8.14 23.33
CA LEU A 158 8.86 -8.08 22.02
C LEU A 158 9.51 -9.41 21.66
N ALA A 159 9.45 -9.77 20.38
CA ALA A 159 9.94 -11.06 19.88
C ALA A 159 10.65 -10.86 18.55
N TRP A 160 11.47 -11.85 18.19
CA TRP A 160 12.19 -11.91 16.93
C TRP A 160 11.93 -13.23 16.23
N TYR A 161 11.77 -13.18 14.91
CA TYR A 161 11.51 -14.36 14.12
C TYR A 161 12.55 -14.49 13.02
N GLN A 162 13.01 -15.71 12.79
CA GLN A 162 13.83 -16.03 11.63
C GLN A 162 13.00 -16.68 10.55
N GLN A 163 13.27 -16.33 9.29
CA GLN A 163 12.50 -16.92 8.20
C GLN A 163 13.37 -17.10 6.95
N LYS A 164 13.31 -18.31 6.40
CA LYS A 164 14.02 -18.67 5.19
C LYS A 164 13.05 -18.83 4.02
N PRO A 165 13.54 -18.62 2.79
CA PRO A 165 12.66 -18.70 1.62
C PRO A 165 11.80 -19.94 1.61
N GLY A 166 10.51 -19.73 1.45
CA GLY A 166 9.54 -20.82 1.44
C GLY A 166 9.15 -21.32 2.80
N GLN A 167 10.10 -21.37 3.73
CA GLN A 167 9.76 -21.88 5.05
C GLN A 167 8.88 -20.85 5.79
N ALA A 168 8.35 -21.29 6.93
CA ALA A 168 7.48 -20.46 7.77
C ALA A 168 8.31 -19.72 8.81
N PRO A 169 7.81 -18.58 9.28
CA PRO A 169 8.49 -17.86 10.36
C PRO A 169 8.72 -18.73 11.58
N ARG A 170 9.92 -18.61 12.16
CA ARG A 170 10.34 -19.42 13.29
C ARG A 170 10.69 -18.50 14.45
N LEU A 171 10.13 -18.80 15.62
CA LEU A 171 10.34 -17.94 16.78
C LEU A 171 11.75 -18.15 17.34
N LEU A 172 12.47 -17.06 17.52
CA LEU A 172 13.82 -17.09 18.06
C LEU A 172 13.87 -16.57 19.49
N ILE A 173 13.41 -15.34 19.71
CA ILE A 173 13.47 -14.69 21.01
C ILE A 173 12.06 -14.23 21.36
N TYR A 174 11.66 -14.43 22.62
CA TYR A 174 10.43 -13.83 23.15
C TYR A 174 10.77 -13.06 24.42
N ASP A 175 9.98 -12.01 24.70
CA ASP A 175 10.24 -11.11 25.81
C ASP A 175 11.70 -10.63 25.83
N SER A 176 12.17 -10.24 24.64
CA SER A 176 13.43 -9.52 24.44
C SER A 176 14.67 -10.36 24.68
N SER A 177 14.77 -11.07 25.80
CA SER A 177 16.02 -11.73 26.15
C SER A 177 15.95 -13.24 26.33
N SER A 178 14.75 -13.84 26.27
CA SER A 178 14.60 -15.27 26.53
C SER A 178 14.52 -16.03 25.22
N ARG A 179 15.17 -17.19 25.18
CA ARG A 179 15.32 -17.99 23.96
C ARG A 179 14.26 -19.09 23.88
N ALA A 180 13.65 -19.22 22.70
CA ALA A 180 12.70 -20.27 22.40
C ALA A 180 13.39 -21.64 22.38
N THR A 181 12.59 -22.69 22.24
CA THR A 181 13.13 -24.05 22.22
C THR A 181 13.90 -24.27 20.92
N GLY A 182 15.09 -24.86 21.03
CA GLY A 182 15.88 -25.25 19.89
C GLY A 182 16.74 -24.18 19.24
N VAL A 183 16.91 -23.02 19.85
CA VAL A 183 17.71 -21.93 19.29
C VAL A 183 19.08 -21.93 19.96
N PRO A 184 20.19 -22.03 19.20
CA PRO A 184 21.53 -22.08 19.80
C PRO A 184 21.90 -20.87 20.64
N ALA A 185 22.99 -21.00 21.42
CA ALA A 185 23.41 -19.96 22.35
C ALA A 185 23.79 -18.67 21.63
N ARG A 186 24.22 -18.76 20.37
CA ARG A 186 24.64 -17.56 19.63
C ARG A 186 23.58 -16.48 19.66
N PHE A 187 22.31 -16.87 19.65
CA PHE A 187 21.23 -15.91 19.59
C PHE A 187 20.98 -15.31 20.96
N SER A 188 20.77 -14.00 20.98
CA SER A 188 20.48 -13.28 22.21
C SER A 188 19.80 -11.98 21.82
N GLY A 189 18.81 -11.60 22.61
CA GLY A 189 18.20 -10.30 22.43
C GLY A 189 18.41 -9.43 23.65
N SER A 190 18.25 -8.13 23.48
CA SER A 190 18.46 -7.16 24.55
C SER A 190 17.80 -5.86 24.13
N GLY A 191 17.83 -4.89 25.02
CA GLY A 191 17.18 -3.62 24.74
C GLY A 191 15.93 -3.44 25.58
N SER A 192 15.55 -2.17 25.73
CA SER A 192 14.44 -1.79 26.58
C SER A 192 13.77 -0.56 25.99
N GLY A 193 12.55 -0.31 26.45
CA GLY A 193 11.83 0.88 26.05
C GLY A 193 11.49 0.87 24.58
N THR A 194 12.14 1.74 23.81
CA THR A 194 11.82 1.92 22.39
C THR A 194 12.80 1.23 21.45
N ASP A 195 13.93 0.76 21.96
CA ASP A 195 14.99 0.24 21.12
C ASP A 195 15.40 -1.14 21.59
N PHE A 196 15.50 -2.06 20.64
CA PHE A 196 15.80 -3.46 20.91
C PHE A 196 16.83 -3.93 19.89
N THR A 197 17.63 -4.89 20.32
CA THR A 197 18.76 -5.36 19.54
C THR A 197 18.76 -6.88 19.50
N LEU A 198 19.00 -7.44 18.32
CA LEU A 198 19.19 -8.87 18.16
C LEU A 198 20.64 -9.12 17.77
N THR A 199 21.32 -9.98 18.53
CA THR A 199 22.73 -10.24 18.36
C THR A 199 22.98 -11.71 18.07
N ILE A 200 23.76 -11.98 17.03
CA ILE A 200 24.26 -13.32 16.71
C ILE A 200 25.76 -13.27 16.92
N SER A 201 26.26 -14.01 17.92
CA SER A 201 27.68 -13.98 18.26
C SER A 201 28.55 -14.36 17.06
N SER A 202 28.27 -15.51 16.44
CA SER A 202 28.96 -15.98 15.25
C SER A 202 27.95 -16.58 14.27
N LEU A 203 28.06 -16.20 13.01
CA LEU A 203 27.14 -16.67 11.98
C LEU A 203 27.53 -18.06 11.49
N GLU A 204 26.54 -18.95 11.39
CA GLU A 204 26.75 -20.21 10.70
C GLU A 204 26.22 -20.16 9.29
N PRO A 205 26.58 -21.16 8.47
CA PRO A 205 25.95 -21.29 7.16
C PRO A 205 24.44 -21.18 7.20
N GLU A 206 23.82 -21.92 8.11
CA GLU A 206 22.38 -21.94 8.28
C GLU A 206 21.78 -20.61 8.74
N ASP A 207 22.59 -19.63 9.16
CA ASP A 207 22.05 -18.45 9.82
C ASP A 207 21.57 -17.36 8.87
N PHE A 208 21.84 -17.47 7.57
CA PHE A 208 21.47 -16.40 6.65
C PHE A 208 19.99 -16.50 6.31
N ALA A 209 19.24 -15.46 6.67
CA ALA A 209 17.78 -15.44 6.54
C ALA A 209 17.31 -14.02 6.80
N VAL A 210 15.99 -13.82 6.68
CA VAL A 210 15.35 -12.57 7.10
C VAL A 210 14.99 -12.67 8.58
N TYR A 211 14.92 -11.52 9.24
CA TYR A 211 14.67 -11.48 10.68
C TYR A 211 13.70 -10.36 10.98
N TYR A 212 12.60 -10.68 11.66
CA TYR A 212 11.55 -9.71 11.93
C TYR A 212 11.47 -9.50 13.42
N CYS A 213 11.40 -8.24 13.84
CA CYS A 213 11.03 -8.02 15.22
C CYS A 213 9.51 -7.92 15.30
N HIS A 214 8.99 -8.33 16.43
CA HIS A 214 7.56 -8.45 16.64
C HIS A 214 7.25 -7.88 18.00
N GLN A 215 6.26 -7.02 18.05
CA GLN A 215 5.77 -6.49 19.31
C GLN A 215 4.39 -7.06 19.53
N TYR A 216 4.16 -7.53 20.72
CA TYR A 216 2.87 -8.05 21.13
C TYR A 216 2.59 -7.34 22.45
N SER A 217 2.23 -6.05 22.37
CA SER A 217 1.90 -5.31 23.58
C SER A 217 0.43 -4.96 23.62
N ASP A 218 -0.14 -4.50 22.51
CA ASP A 218 -1.56 -4.21 22.45
C ASP A 218 -2.25 -5.33 21.68
N ILE A 219 -3.58 -5.25 21.60
CA ILE A 219 -4.34 -6.32 20.98
C ILE A 219 -4.06 -6.44 19.48
N SER A 220 -3.45 -5.41 18.87
CA SER A 220 -3.12 -5.43 17.45
C SER A 220 -1.60 -5.49 17.27
N PRO A 221 -1.00 -6.68 17.26
CA PRO A 221 0.46 -6.77 17.17
C PRO A 221 0.99 -6.17 15.87
N THR A 222 2.30 -5.89 15.87
CA THR A 222 2.94 -5.35 14.69
C THR A 222 4.30 -6.01 14.47
N PHE A 223 4.80 -5.85 13.25
CA PHE A 223 6.04 -6.43 12.75
C PHE A 223 6.90 -5.32 12.15
N GLY A 224 8.21 -5.55 12.13
CA GLY A 224 9.08 -4.74 11.32
C GLY A 224 9.09 -5.22 9.87
N GLN A 225 9.66 -4.39 9.00
CA GLN A 225 9.76 -4.76 7.58
C GLN A 225 10.82 -5.82 7.33
N GLY A 226 11.63 -6.15 8.32
CA GLY A 226 12.61 -7.20 8.10
C GLY A 226 13.99 -6.65 7.82
N THR A 227 14.99 -7.42 8.25
CA THR A 227 16.38 -7.16 7.90
C THR A 227 16.96 -8.44 7.32
N LYS A 228 17.44 -8.37 6.08
CA LYS A 228 17.95 -9.54 5.39
C LYS A 228 19.42 -9.72 5.72
N VAL A 229 19.76 -10.83 6.36
CA VAL A 229 21.14 -11.21 6.62
C VAL A 229 21.55 -12.18 5.52
N GLU A 230 22.40 -11.70 4.61
CA GLU A 230 22.82 -12.45 3.44
C GLU A 230 24.34 -12.49 3.33
N ILE A 231 24.84 -13.52 2.62
CA ILE A 231 26.26 -13.63 2.35
C ILE A 231 26.70 -12.48 1.45
N LYS A 232 28.00 -12.20 1.46
CA LYS A 232 28.50 -11.08 0.66
C LYS A 232 29.36 -11.52 -0.52
N VAL B 2 2.29 -31.07 17.85
CA VAL B 2 1.60 -29.82 17.59
C VAL B 2 1.88 -29.36 16.17
N GLN B 3 0.84 -29.34 15.33
CA GLN B 3 0.99 -28.96 13.94
C GLN B 3 -0.20 -28.11 13.54
N LEU B 4 -0.05 -27.37 12.44
CA LEU B 4 -1.13 -26.58 11.87
C LEU B 4 -1.06 -26.65 10.35
N VAL B 5 -2.18 -26.97 9.71
CA VAL B 5 -2.25 -27.12 8.26
C VAL B 5 -3.30 -26.17 7.72
N GLU B 6 -2.90 -25.31 6.79
CA GLU B 6 -3.79 -24.35 6.14
C GLU B 6 -4.24 -24.90 4.81
N SER B 7 -5.51 -24.67 4.50
CA SER B 7 -6.10 -25.17 3.27
C SER B 7 -6.97 -24.07 2.71
N GLY B 8 -7.61 -24.37 1.57
CA GLY B 8 -8.31 -23.34 0.85
C GLY B 8 -7.30 -22.36 0.30
N GLY B 9 -7.81 -21.34 -0.38
CA GLY B 9 -6.90 -20.44 -1.02
C GLY B 9 -6.46 -20.98 -2.36
N GLY B 10 -5.86 -20.12 -3.18
CA GLY B 10 -5.51 -20.49 -4.53
C GLY B 10 -5.54 -19.25 -5.39
N LEU B 11 -6.36 -19.26 -6.44
CA LEU B 11 -6.48 -18.14 -7.36
C LEU B 11 -7.92 -17.63 -7.33
N VAL B 12 -8.08 -16.30 -7.28
CA VAL B 12 -9.39 -15.68 -7.20
C VAL B 12 -9.37 -14.48 -8.14
N GLN B 13 -10.57 -14.04 -8.51
CA GLN B 13 -10.69 -12.92 -9.42
C GLN B 13 -10.76 -11.66 -8.57
N CYS B 14 -10.73 -10.51 -9.23
CA CYS B 14 -10.70 -9.21 -8.59
C CYS B 14 -12.12 -8.91 -8.11
N GLY B 15 -12.34 -9.16 -6.81
CA GLY B 15 -13.63 -8.97 -6.17
C GLY B 15 -14.23 -10.26 -5.64
N GLY B 16 -13.56 -11.39 -5.83
CA GLY B 16 -14.05 -12.67 -5.39
C GLY B 16 -13.93 -12.85 -3.89
N SER B 17 -13.94 -14.11 -3.47
CA SER B 17 -13.95 -14.45 -2.06
C SER B 17 -13.30 -15.81 -1.85
N LEU B 18 -12.87 -16.03 -0.62
CA LEU B 18 -12.26 -17.29 -0.24
C LEU B 18 -12.48 -17.54 1.24
N ARG B 19 -12.43 -18.81 1.61
CA ARG B 19 -12.43 -19.17 3.02
C ARG B 19 -11.20 -20.02 3.28
N LEU B 20 -10.45 -19.63 4.30
CA LEU B 20 -9.23 -20.32 4.66
C LEU B 20 -9.51 -21.24 5.85
N SER B 21 -8.90 -22.41 5.82
CA SER B 21 -9.04 -23.39 6.87
C SER B 21 -7.67 -23.67 7.50
N CYS B 22 -7.63 -23.82 8.82
CA CYS B 22 -6.41 -24.21 9.52
C CYS B 22 -6.73 -25.47 10.30
N ALA B 23 -6.13 -26.59 9.90
CA ALA B 23 -6.37 -27.87 10.55
C ALA B 23 -5.34 -28.05 11.65
N ALA B 24 -5.82 -28.15 12.90
CA ALA B 24 -4.98 -28.10 14.08
C ALA B 24 -4.95 -29.45 14.78
N SER B 25 -3.75 -29.99 14.94
CA SER B 25 -3.52 -31.26 15.62
C SER B 25 -2.45 -31.07 16.69
N GLY B 26 -2.28 -32.09 17.52
CA GLY B 26 -1.24 -32.11 18.53
C GLY B 26 -1.53 -31.29 19.77
N PHE B 27 -2.66 -30.60 19.83
CA PHE B 27 -3.02 -29.84 21.03
C PHE B 27 -4.54 -29.81 21.14
N THR B 28 -5.00 -29.40 22.31
CA THR B 28 -6.44 -29.26 22.59
C THR B 28 -6.90 -27.90 22.10
N PHE B 29 -7.62 -27.89 20.98
CA PHE B 29 -8.00 -26.64 20.33
C PHE B 29 -8.71 -25.70 21.30
N ARG B 30 -9.51 -26.25 22.22
CA ARG B 30 -10.33 -25.43 23.12
C ARG B 30 -9.53 -24.35 23.83
N ASN B 31 -8.33 -24.69 24.30
CA ASN B 31 -7.70 -23.94 25.38
C ASN B 31 -6.98 -22.67 24.96
N SER B 32 -6.74 -22.45 23.68
CA SER B 32 -5.90 -21.34 23.26
C SER B 32 -6.55 -20.62 22.07
N ALA B 33 -5.97 -19.46 21.73
CA ALA B 33 -6.53 -18.58 20.69
C ALA B 33 -5.67 -18.55 19.43
N MET B 34 -6.31 -18.28 18.29
CA MET B 34 -5.66 -18.34 16.99
C MET B 34 -5.54 -16.94 16.40
N HIS B 35 -4.59 -16.82 15.48
CA HIS B 35 -4.32 -15.61 14.72
C HIS B 35 -4.00 -16.02 13.29
N TRP B 36 -4.24 -15.10 12.38
CA TRP B 36 -3.80 -15.24 11.00
C TRP B 36 -2.79 -14.14 10.75
N VAL B 37 -1.69 -14.51 10.13
CA VAL B 37 -0.66 -13.56 9.73
C VAL B 37 -0.40 -13.79 8.26
N ARG B 38 -0.37 -12.73 7.48
CA ARG B 38 -0.14 -12.88 6.05
C ARG B 38 1.17 -12.20 5.67
N GLN B 39 1.71 -12.62 4.53
CA GLN B 39 2.98 -12.11 4.04
C GLN B 39 2.85 -12.05 2.52
N ALA B 40 2.68 -10.84 2.00
CA ALA B 40 2.69 -10.64 0.55
C ALA B 40 4.04 -11.05 -0.02
N PRO B 41 4.12 -11.44 -1.30
CA PRO B 41 5.40 -11.90 -1.83
C PRO B 41 6.40 -10.75 -1.91
N GLY B 42 7.59 -10.97 -1.35
CA GLY B 42 8.62 -9.96 -1.32
C GLY B 42 8.53 -8.95 -0.20
N LYS B 43 7.50 -9.02 0.65
CA LYS B 43 7.37 -8.12 1.78
C LYS B 43 7.42 -8.92 3.09
N GLY B 44 7.19 -8.23 4.20
CA GLY B 44 7.29 -8.81 5.52
C GLY B 44 5.94 -9.27 6.07
N LEU B 45 6.01 -9.89 7.25
CA LEU B 45 4.83 -10.37 7.96
C LEU B 45 3.87 -9.23 8.29
N GLU B 46 2.58 -9.52 8.22
CA GLU B 46 1.55 -8.54 8.53
C GLU B 46 0.39 -9.25 9.22
N TRP B 47 -0.01 -8.75 10.39
CA TRP B 47 -1.01 -9.42 11.21
C TRP B 47 -2.41 -9.13 10.69
N VAL B 48 -3.22 -10.19 10.58
CA VAL B 48 -4.53 -10.06 9.95
C VAL B 48 -5.67 -9.99 10.97
N SER B 49 -5.90 -11.07 11.71
CA SER B 49 -7.12 -11.19 12.50
C SER B 49 -6.94 -12.23 13.61
N SER B 50 -7.86 -12.21 14.57
CA SER B 50 -7.74 -13.02 15.78
C SER B 50 -9.08 -13.53 16.29
N ILE B 51 -9.10 -14.81 16.67
CA ILE B 51 -10.13 -15.32 17.58
C ILE B 51 -9.51 -15.49 18.95
N TRP B 52 -10.12 -14.89 19.97
CA TRP B 52 -9.63 -14.97 21.34
C TRP B 52 -10.55 -15.94 22.08
N TYR B 53 -10.12 -17.20 22.12
CA TYR B 53 -10.82 -18.30 22.79
C TYR B 53 -12.19 -18.48 22.13
N SER B 54 -13.30 -18.39 22.86
CA SER B 54 -14.63 -18.61 22.29
C SER B 54 -14.97 -17.56 21.24
N GLY B 55 -15.88 -17.93 20.34
CA GLY B 55 -16.34 -16.99 19.32
C GLY B 55 -16.98 -15.75 19.92
N SER B 56 -17.09 -14.72 19.05
CA SER B 56 -17.58 -13.36 19.35
C SER B 56 -16.52 -12.51 20.03
N ASN B 57 -15.30 -13.02 20.19
CA ASN B 57 -14.16 -12.26 20.73
C ASN B 57 -13.13 -12.17 19.61
N THR B 58 -13.37 -11.26 18.67
CA THR B 58 -12.60 -11.19 17.44
C THR B 58 -12.03 -9.79 17.24
N TYR B 59 -10.87 -9.73 16.57
CA TYR B 59 -10.19 -8.46 16.32
C TYR B 59 -9.59 -8.49 14.93
N TYR B 60 -9.63 -7.36 14.22
CA TYR B 60 -9.16 -7.29 12.85
C TYR B 60 -8.18 -6.15 12.64
N ALA B 61 -7.38 -6.28 11.58
CA ALA B 61 -6.57 -5.19 11.07
C ALA B 61 -7.42 -4.15 10.35
N ASP B 62 -6.88 -2.94 10.28
CA ASP B 62 -7.60 -1.84 9.64
C ASP B 62 -7.93 -2.12 8.17
N SER B 63 -6.99 -2.72 7.43
CA SER B 63 -7.18 -2.91 6.00
C SER B 63 -8.24 -3.96 5.68
N VAL B 64 -8.58 -4.82 6.64
CA VAL B 64 -9.49 -5.94 6.50
C VAL B 64 -10.82 -5.71 7.23
N CYS B 65 -11.10 -4.47 7.64
CA CYS B 65 -12.36 -4.13 8.29
C CYS B 65 -13.53 -4.63 7.46
N GLY B 66 -14.51 -5.24 8.11
CA GLY B 66 -15.73 -5.59 7.40
C GLY B 66 -15.59 -6.70 6.37
N ARG B 67 -14.52 -6.67 5.57
CA ARG B 67 -14.36 -7.64 4.50
C ARG B 67 -14.04 -9.04 4.99
N PHE B 68 -13.34 -9.18 6.13
CA PHE B 68 -12.92 -10.48 6.65
C PHE B 68 -13.72 -10.81 7.90
N THR B 69 -14.11 -12.09 8.00
CA THR B 69 -14.73 -12.62 9.21
C THR B 69 -13.89 -13.79 9.69
N ILE B 70 -13.57 -13.79 10.98
CA ILE B 70 -12.72 -14.80 11.59
C ILE B 70 -13.61 -15.71 12.42
N SER B 71 -13.44 -17.02 12.21
CA SER B 71 -14.29 -18.03 12.82
C SER B 71 -13.47 -19.25 13.21
N ARG B 72 -13.84 -19.87 14.33
CA ARG B 72 -13.30 -21.16 14.68
C ARG B 72 -14.41 -22.00 15.30
N ASP B 73 -14.45 -23.27 14.93
CA ASP B 73 -15.26 -24.29 15.57
C ASP B 73 -14.35 -25.27 16.31
N ASN B 74 -14.56 -25.38 17.63
CA ASN B 74 -13.72 -26.26 18.44
C ASN B 74 -13.89 -27.74 18.07
N SER B 75 -15.10 -28.14 17.70
CA SER B 75 -15.39 -29.57 17.58
C SER B 75 -14.62 -30.27 16.45
N LYS B 76 -14.42 -29.61 15.31
CA LYS B 76 -13.70 -30.23 14.21
C LYS B 76 -12.20 -29.91 14.24
N ASN B 77 -11.75 -29.13 15.23
CA ASN B 77 -10.35 -28.75 15.41
C ASN B 77 -9.82 -27.94 14.22
N THR B 78 -10.61 -26.98 13.74
CA THR B 78 -10.24 -26.16 12.59
C THR B 78 -10.49 -24.68 12.87
N LEU B 79 -9.73 -23.84 12.17
CA LEU B 79 -9.83 -22.40 12.24
C LEU B 79 -10.19 -21.86 10.85
N TYR B 80 -11.10 -20.88 10.79
CA TYR B 80 -11.61 -20.42 9.50
C TYR B 80 -11.33 -18.93 9.32
N LEU B 81 -11.10 -18.54 8.07
CA LEU B 81 -10.93 -17.13 7.74
C LEU B 81 -11.78 -16.87 6.50
N GLN B 82 -12.68 -15.89 6.58
CA GLN B 82 -13.66 -15.66 5.52
C GLN B 82 -13.27 -14.40 4.75
N MET B 83 -12.65 -14.58 3.58
CA MET B 83 -12.19 -13.45 2.79
C MET B 83 -13.21 -13.12 1.71
N ASN B 84 -13.68 -11.88 1.71
CA ASN B 84 -14.55 -11.35 0.68
C ASN B 84 -13.92 -10.11 0.06
N SER B 85 -14.50 -9.70 -1.08
CA SER B 85 -14.14 -8.45 -1.76
C SER B 85 -12.64 -8.37 -2.00
N LEU B 86 -12.07 -9.47 -2.49
CA LEU B 86 -10.62 -9.58 -2.53
C LEU B 86 -10.02 -8.63 -3.56
N THR B 87 -8.91 -8.03 -3.18
CA THR B 87 -8.17 -7.07 -3.98
C THR B 87 -6.77 -7.60 -4.26
N ALA B 88 -6.15 -7.02 -5.29
CA ALA B 88 -4.75 -7.31 -5.59
C ALA B 88 -3.86 -7.10 -4.37
N GLU B 89 -4.27 -6.23 -3.45
CA GLU B 89 -3.49 -6.00 -2.24
C GLU B 89 -3.59 -7.16 -1.25
N ASP B 90 -4.56 -8.07 -1.41
CA ASP B 90 -4.77 -9.18 -0.50
C ASP B 90 -3.97 -10.45 -0.85
N THR B 91 -3.32 -10.50 -2.01
CA THR B 91 -2.60 -11.72 -2.38
C THR B 91 -1.36 -11.84 -1.50
N ALA B 92 -1.12 -13.04 -0.99
CA ALA B 92 -0.12 -13.26 0.04
C ALA B 92 -0.17 -14.72 0.46
N VAL B 93 0.79 -15.12 1.27
CA VAL B 93 0.73 -16.39 2.00
C VAL B 93 0.11 -16.10 3.36
N TYR B 94 -0.91 -16.86 3.74
CA TYR B 94 -1.61 -16.64 5.00
C TYR B 94 -1.28 -17.78 5.95
N TYR B 95 -0.73 -17.42 7.11
CA TYR B 95 -0.40 -18.40 8.14
C TYR B 95 -1.45 -18.34 9.24
N CYS B 96 -1.61 -19.45 9.94
CA CYS B 96 -2.28 -19.45 11.23
C CYS B 96 -1.22 -19.66 12.29
N ALA B 97 -1.42 -19.08 13.47
CA ALA B 97 -0.35 -19.00 14.44
C ALA B 97 -0.88 -19.16 15.86
N ARG B 98 -0.01 -19.60 16.75
CA ARG B 98 -0.44 -20.05 18.05
C ARG B 98 0.60 -19.67 19.10
N PHE B 99 0.11 -19.37 20.30
CA PHE B 99 0.93 -19.24 21.49
C PHE B 99 0.25 -19.99 22.62
N ALA B 100 1.03 -20.70 23.41
CA ALA B 100 0.49 -21.46 24.53
C ALA B 100 0.17 -20.54 25.70
N GLY B 101 -0.85 -20.90 26.45
CA GLY B 101 -1.25 -20.12 27.60
C GLY B 101 -2.21 -19.00 27.23
N GLY B 102 -2.28 -18.02 28.12
CA GLY B 102 -3.20 -16.92 27.91
C GLY B 102 -2.78 -16.02 26.78
N TRP B 103 -1.55 -15.52 26.85
CA TRP B 103 -1.07 -14.64 25.80
C TRP B 103 0.45 -14.69 25.68
N GLY B 104 0.97 -14.31 24.52
CA GLY B 104 2.39 -14.35 24.28
C GLY B 104 2.71 -14.21 22.80
N ALA B 105 3.97 -14.50 22.46
CA ALA B 105 4.39 -14.45 21.07
C ALA B 105 4.11 -15.78 20.39
N TYR B 106 3.79 -15.71 19.10
CA TYR B 106 3.50 -16.89 18.29
C TYR B 106 4.69 -17.84 18.22
N ASP B 107 4.56 -19.01 18.83
CA ASP B 107 5.60 -20.03 18.72
C ASP B 107 5.21 -21.23 17.87
N VAL B 108 3.98 -21.30 17.38
CA VAL B 108 3.54 -22.37 16.48
C VAL B 108 2.98 -21.73 15.23
N TRP B 109 3.55 -22.09 14.08
CA TRP B 109 3.21 -21.50 12.79
C TRP B 109 2.87 -22.61 11.82
N GLY B 110 1.77 -22.46 11.10
CA GLY B 110 1.46 -23.37 10.03
C GLY B 110 2.44 -23.23 8.88
N GLN B 111 2.09 -23.88 7.76
CA GLN B 111 2.92 -23.84 6.57
C GLN B 111 2.51 -22.71 5.62
N GLY B 112 1.33 -22.15 5.81
CA GLY B 112 0.82 -21.11 4.94
C GLY B 112 0.21 -21.66 3.67
N THR B 113 -0.75 -20.92 3.14
CA THR B 113 -1.37 -21.28 1.86
C THR B 113 -1.51 -20.00 1.03
N LEU B 114 -1.16 -20.09 -0.25
CA LEU B 114 -1.01 -18.90 -1.08
C LEU B 114 -2.34 -18.49 -1.70
N VAL B 115 -2.65 -17.20 -1.62
CA VAL B 115 -3.81 -16.61 -2.26
C VAL B 115 -3.31 -15.52 -3.21
N THR B 116 -3.72 -15.59 -4.48
CA THR B 116 -3.32 -14.64 -5.51
C THR B 116 -4.56 -14.08 -6.20
N VAL B 117 -4.62 -12.77 -6.34
CA VAL B 117 -5.77 -12.05 -6.89
C VAL B 117 -5.36 -11.33 -8.17
N SER B 118 -6.22 -11.37 -9.17
CA SER B 118 -5.98 -10.77 -10.48
C SER B 118 -5.73 -9.27 -10.42
N ASP B 125 2.41 -1.41 -15.90
CA ASP B 125 2.75 -0.75 -14.64
C ASP B 125 4.07 0.00 -14.72
N ILE B 126 4.02 1.21 -15.26
CA ILE B 126 5.21 2.02 -15.40
C ILE B 126 5.33 2.86 -14.14
N VAL B 127 6.52 2.91 -13.56
CA VAL B 127 6.77 3.64 -12.33
C VAL B 127 7.50 4.93 -12.67
N LEU B 128 6.96 6.04 -12.21
CA LEU B 128 7.53 7.36 -12.47
C LEU B 128 8.21 7.80 -11.18
N THR B 129 9.51 8.00 -11.25
CA THR B 129 10.30 8.45 -10.11
C THR B 129 10.77 9.87 -10.40
N GLN B 130 10.48 10.78 -9.48
CA GLN B 130 10.75 12.20 -9.66
C GLN B 130 11.83 12.69 -8.72
N SER B 131 12.74 13.50 -9.26
CA SER B 131 13.82 14.08 -8.46
C SER B 131 14.08 15.52 -8.85
N PRO B 132 14.41 16.37 -7.87
CA PRO B 132 14.45 16.12 -6.42
C PRO B 132 13.06 16.16 -5.79
N ALA B 133 12.90 15.66 -4.56
CA ALA B 133 11.62 15.78 -3.86
C ALA B 133 11.29 17.23 -3.57
N THR B 134 12.26 18.00 -3.08
CA THR B 134 12.10 19.42 -2.85
C THR B 134 13.14 20.20 -3.63
N LEU B 135 12.72 21.33 -4.18
CA LEU B 135 13.59 22.27 -4.86
C LEU B 135 13.45 23.60 -4.15
N SER B 136 14.53 24.05 -3.51
CA SER B 136 14.54 25.30 -2.77
C SER B 136 15.21 26.37 -3.65
N LEU B 137 14.40 27.25 -4.20
CA LEU B 137 14.96 28.27 -5.08
C LEU B 137 14.43 29.65 -4.71
N SER B 138 14.82 30.61 -5.54
CA SER B 138 14.49 32.02 -5.42
C SER B 138 14.02 32.52 -6.78
N PRO B 139 13.17 33.55 -6.80
CA PRO B 139 12.68 34.06 -8.08
C PRO B 139 13.84 34.40 -9.01
N GLY B 140 13.58 34.23 -10.30
CA GLY B 140 14.58 34.45 -11.31
C GLY B 140 15.48 33.27 -11.59
N GLU B 141 15.66 32.36 -10.65
CA GLU B 141 16.52 31.21 -10.90
C GLU B 141 15.85 30.19 -11.81
N ARG B 142 16.70 29.40 -12.48
CA ARG B 142 16.24 28.33 -13.36
C ARG B 142 15.96 27.07 -12.55
N ALA B 143 14.89 26.38 -12.90
CA ALA B 143 14.50 25.14 -12.24
C ALA B 143 14.57 24.00 -13.24
N THR B 144 15.05 22.85 -12.76
CA THR B 144 15.12 21.64 -13.59
C THR B 144 14.64 20.45 -12.78
N LEU B 145 13.68 19.73 -13.35
CA LEU B 145 12.98 18.63 -12.70
C LEU B 145 13.05 17.41 -13.60
N SER B 146 13.29 16.26 -13.00
CA SER B 146 13.50 15.03 -13.74
C SER B 146 12.41 14.02 -13.41
N CYS B 147 12.19 13.11 -14.34
CA CYS B 147 11.17 12.07 -14.23
C CYS B 147 11.74 10.83 -14.87
N ARG B 148 11.95 9.80 -14.07
CA ARG B 148 12.57 8.55 -14.50
C ARG B 148 11.51 7.47 -14.58
N ALA B 149 11.25 6.99 -15.79
CA ALA B 149 10.29 5.92 -15.98
C ALA B 149 11.00 4.59 -15.79
N SER B 150 10.34 3.67 -15.06
CA SER B 150 10.94 2.37 -14.81
C SER B 150 11.20 1.57 -16.08
N GLN B 151 10.53 1.92 -17.18
CA GLN B 151 10.78 1.32 -18.48
C GLN B 151 10.55 2.37 -19.55
N SER B 152 11.07 2.09 -20.75
CA SER B 152 10.97 3.06 -21.83
C SER B 152 9.51 3.43 -22.09
N VAL B 153 9.30 4.71 -22.35
CA VAL B 153 7.96 5.26 -22.56
C VAL B 153 8.00 6.12 -23.81
N SER B 154 6.98 5.97 -24.66
CA SER B 154 7.00 6.68 -25.92
C SER B 154 6.80 8.16 -25.65
N SER B 155 7.35 8.99 -26.54
CA SER B 155 6.98 10.40 -26.50
C SER B 155 5.50 10.49 -26.82
N ASN B 156 4.92 11.68 -26.66
CA ASN B 156 3.48 11.92 -26.80
C ASN B 156 2.66 11.17 -25.77
N TYR B 157 3.29 10.56 -24.75
CA TYR B 157 2.55 9.93 -23.68
C TYR B 157 3.00 10.40 -22.31
N LEU B 158 3.61 11.57 -22.23
CA LEU B 158 4.12 12.03 -20.95
C LEU B 158 3.72 13.48 -20.76
N ALA B 159 3.36 13.82 -19.53
CA ALA B 159 2.77 15.12 -19.23
C ALA B 159 3.30 15.65 -17.90
N TRP B 160 3.16 16.96 -17.73
CA TRP B 160 3.51 17.63 -16.49
C TRP B 160 2.32 18.43 -15.99
N TYR B 161 2.11 18.39 -14.68
CA TYR B 161 1.01 19.11 -14.03
C TYR B 161 1.55 20.01 -12.93
N GLN B 162 0.99 21.21 -12.85
CA GLN B 162 1.25 22.12 -11.74
C GLN B 162 0.05 22.07 -10.80
N GLN B 163 0.31 22.11 -9.49
CA GLN B 163 -0.77 22.07 -8.52
C GLN B 163 -0.37 22.86 -7.29
N LYS B 164 -1.25 23.71 -6.86
CA LYS B 164 -1.17 24.58 -5.70
C LYS B 164 -2.11 24.11 -4.60
N PRO B 165 -1.76 24.34 -3.32
CA PRO B 165 -2.61 23.84 -2.22
C PRO B 165 -4.08 24.22 -2.33
N GLY B 166 -4.97 23.23 -2.25
CA GLY B 166 -6.40 23.48 -2.34
C GLY B 166 -6.94 23.68 -3.73
N GLN B 167 -6.16 23.39 -4.77
CA GLN B 167 -6.57 23.60 -6.16
C GLN B 167 -6.48 22.30 -6.95
N ALA B 168 -6.97 22.38 -8.18
CA ALA B 168 -6.90 21.15 -8.95
C ALA B 168 -5.61 21.10 -9.76
N PRO B 169 -5.13 19.91 -10.11
CA PRO B 169 -3.96 19.82 -10.98
C PRO B 169 -4.18 20.59 -12.28
N ARG B 170 -3.14 21.26 -12.73
CA ARG B 170 -3.20 22.07 -13.94
C ARG B 170 -2.24 21.50 -14.95
N LEU B 171 -2.74 21.23 -16.16
CA LEU B 171 -1.90 20.62 -17.17
C LEU B 171 -0.96 21.67 -17.75
N LEU B 172 0.33 21.35 -17.75
CA LEU B 172 1.36 22.24 -18.26
C LEU B 172 1.94 21.76 -19.58
N ILE B 173 2.45 20.53 -19.62
CA ILE B 173 3.07 20.00 -20.81
C ILE B 173 2.40 18.68 -21.18
N TYR B 174 2.14 18.50 -22.46
CA TYR B 174 1.76 17.23 -23.02
C TYR B 174 2.71 16.89 -24.16
N ASP B 175 2.85 15.60 -24.43
CA ASP B 175 3.79 15.09 -25.43
C ASP B 175 5.20 15.62 -25.19
N SER B 176 5.65 15.57 -23.93
CA SER B 176 7.04 15.84 -23.60
C SER B 176 7.40 17.33 -23.78
N SER B 177 7.08 17.92 -24.93
CA SER B 177 7.53 19.26 -25.27
C SER B 177 6.43 20.25 -25.59
N SER B 178 5.16 19.83 -25.64
CA SER B 178 4.09 20.70 -26.11
C SER B 178 3.37 21.31 -24.92
N ARG B 179 3.08 22.60 -25.02
CA ARG B 179 2.55 23.39 -23.91
C ARG B 179 1.04 23.53 -24.05
N ALA B 180 0.33 23.38 -22.94
CA ALA B 180 -1.10 23.66 -23.01
C ALA B 180 -1.33 25.14 -23.29
N THR B 181 -2.58 25.48 -23.54
CA THR B 181 -2.92 26.88 -23.81
C THR B 181 -2.79 27.72 -22.56
N GLY B 182 -2.18 28.89 -22.71
CA GLY B 182 -2.08 29.81 -21.59
C GLY B 182 -0.92 29.54 -20.69
N VAL B 183 0.03 28.69 -21.10
CA VAL B 183 1.17 28.32 -20.32
C VAL B 183 2.31 29.21 -20.70
N PRO B 184 2.91 30.01 -19.82
CA PRO B 184 3.94 30.96 -20.22
C PRO B 184 5.12 30.25 -20.88
N ALA B 185 5.91 31.02 -21.62
CA ALA B 185 6.97 30.47 -22.46
C ALA B 185 8.09 29.85 -21.65
N ARG B 186 8.37 30.40 -20.47
CA ARG B 186 9.44 29.90 -19.62
C ARG B 186 9.34 28.40 -19.35
N PHE B 187 8.14 27.83 -19.35
CA PHE B 187 8.00 26.39 -19.14
C PHE B 187 8.37 25.63 -20.41
N SER B 188 9.10 24.54 -20.23
CA SER B 188 9.52 23.72 -21.35
C SER B 188 9.81 22.32 -20.84
N GLY B 189 9.44 21.32 -21.63
CA GLY B 189 9.76 19.94 -21.34
C GLY B 189 10.66 19.34 -22.42
N SER B 190 11.31 18.25 -22.06
CA SER B 190 12.27 17.59 -22.94
C SER B 190 12.49 16.19 -22.40
N GLY B 191 13.29 15.42 -23.12
CA GLY B 191 13.63 14.08 -22.71
C GLY B 191 12.93 13.02 -23.56
N SER B 192 13.51 11.82 -23.56
CA SER B 192 12.98 10.74 -24.37
C SER B 192 13.23 9.44 -23.62
N GLY B 193 12.52 8.39 -24.05
CA GLY B 193 12.72 7.07 -23.47
C GLY B 193 12.36 6.98 -22.01
N THR B 194 13.40 6.90 -21.16
CA THR B 194 13.21 6.74 -19.73
C THR B 194 13.39 8.01 -18.93
N ASP B 195 13.86 9.11 -19.54
CA ASP B 195 14.20 10.30 -18.79
C ASP B 195 13.55 11.52 -19.40
N PHE B 196 12.92 12.34 -18.56
CA PHE B 196 12.20 13.52 -19.02
C PHE B 196 12.50 14.68 -18.09
N THR B 197 12.44 15.89 -18.63
CA THR B 197 12.83 17.07 -17.89
C THR B 197 11.81 18.20 -18.07
N LEU B 198 11.47 18.86 -16.96
CA LEU B 198 10.68 20.07 -16.95
C LEU B 198 11.57 21.23 -16.52
N THR B 199 11.65 22.25 -17.34
CA THR B 199 12.53 23.38 -17.08
C THR B 199 11.69 24.64 -16.97
N ILE B 200 11.93 25.41 -15.92
CA ILE B 200 11.33 26.73 -15.74
C ILE B 200 12.45 27.74 -15.89
N SER B 201 12.36 28.55 -16.95
CA SER B 201 13.47 29.45 -17.30
C SER B 201 13.83 30.38 -16.17
N SER B 202 12.85 31.17 -15.71
CA SER B 202 13.04 32.06 -14.58
C SER B 202 11.82 31.93 -13.69
N LEU B 203 12.05 31.72 -12.40
CA LEU B 203 10.95 31.50 -11.48
C LEU B 203 10.28 32.81 -11.12
N GLU B 204 8.97 32.87 -11.25
CA GLU B 204 8.11 33.96 -10.82
C GLU B 204 7.43 33.57 -9.51
N PRO B 205 6.87 34.55 -8.79
CA PRO B 205 6.06 34.21 -7.61
C PRO B 205 4.99 33.16 -7.85
N GLU B 206 4.21 33.28 -8.93
CA GLU B 206 3.16 32.31 -9.22
C GLU B 206 3.66 30.89 -9.47
N ASP B 207 4.97 30.71 -9.64
CA ASP B 207 5.50 29.42 -10.10
C ASP B 207 5.78 28.42 -8.99
N PHE B 208 5.76 28.85 -7.73
CA PHE B 208 6.12 27.94 -6.64
C PHE B 208 4.91 27.08 -6.30
N ALA B 209 5.06 25.77 -6.54
CA ALA B 209 3.97 24.81 -6.41
C ALA B 209 4.59 23.42 -6.51
N VAL B 210 3.75 22.41 -6.39
CA VAL B 210 4.19 21.05 -6.65
C VAL B 210 4.02 20.74 -8.13
N TYR B 211 4.83 19.81 -8.62
CA TYR B 211 4.88 19.49 -10.04
C TYR B 211 4.97 17.98 -10.20
N TYR B 212 4.04 17.43 -10.97
CA TYR B 212 3.91 15.99 -11.17
C TYR B 212 4.13 15.64 -12.63
N CYS B 213 4.92 14.59 -12.88
CA CYS B 213 4.97 14.03 -14.22
C CYS B 213 3.89 12.95 -14.34
N HIS B 214 3.42 12.77 -15.58
CA HIS B 214 2.29 11.87 -15.86
C HIS B 214 2.58 11.12 -17.14
N GLN B 215 2.43 9.79 -17.12
CA GLN B 215 2.53 9.01 -18.33
C GLN B 215 1.19 8.36 -18.64
N TYR B 216 0.76 8.46 -19.90
CA TYR B 216 -0.52 7.88 -20.36
C TYR B 216 -0.24 7.05 -21.61
N SER B 217 0.40 5.89 -21.41
CA SER B 217 0.74 4.99 -22.51
C SER B 217 -0.15 3.76 -22.54
N ASP B 218 -0.47 3.20 -21.38
CA ASP B 218 -1.42 2.12 -21.23
C ASP B 218 -2.75 2.65 -20.71
N ILE B 219 -3.71 1.74 -20.56
CA ILE B 219 -5.03 2.08 -20.03
C ILE B 219 -4.94 2.44 -18.55
N SER B 220 -3.84 2.11 -17.89
CA SER B 220 -3.61 2.37 -16.47
C SER B 220 -2.55 3.46 -16.31
N PRO B 221 -2.91 4.73 -16.40
CA PRO B 221 -1.91 5.80 -16.32
C PRO B 221 -1.22 5.81 -14.97
N THR B 222 -0.08 6.50 -14.90
CA THR B 222 0.64 6.62 -13.64
C THR B 222 1.11 8.04 -13.44
N PHE B 223 1.42 8.36 -12.18
CA PHE B 223 1.88 9.68 -11.79
C PHE B 223 3.20 9.54 -11.07
N GLY B 224 3.98 10.62 -11.11
CA GLY B 224 5.14 10.71 -10.25
C GLY B 224 4.74 11.18 -8.86
N GLN B 225 5.64 10.91 -7.91
CA GLN B 225 5.37 11.25 -6.52
C GLN B 225 5.38 12.75 -6.28
N GLY B 226 5.88 13.54 -7.21
CA GLY B 226 5.84 14.98 -7.06
C GLY B 226 7.20 15.58 -6.80
N THR B 227 7.40 16.80 -7.28
CA THR B 227 8.54 17.63 -6.90
C THR B 227 8.00 18.96 -6.41
N LYS B 228 8.35 19.33 -5.18
CA LYS B 228 7.88 20.58 -4.59
C LYS B 228 8.92 21.67 -4.78
N VAL B 229 8.47 22.78 -5.37
CA VAL B 229 9.32 23.94 -5.61
C VAL B 229 8.89 25.03 -4.63
N GLU B 230 9.76 25.35 -3.68
CA GLU B 230 9.44 26.32 -2.65
C GLU B 230 10.50 27.41 -2.60
N ILE B 231 10.11 28.59 -2.11
CA ILE B 231 11.05 29.70 -2.01
C ILE B 231 12.17 29.39 -1.00
N LYS B 232 13.28 30.08 -1.18
CA LYS B 232 14.44 29.95 -0.32
C LYS B 232 14.65 31.27 0.44
#